data_2W7A
#
_entry.id   2W7A
#
_cell.length_a   32.360
_cell.length_b   54.710
_cell.length_c   57.810
_cell.angle_alpha   90.00
_cell.angle_beta   102.95
_cell.angle_gamma   90.00
#
_symmetry.space_group_name_H-M   'P 1 21 1'
#
loop_
_entity.id
_entity.type
_entity.pdbx_description
1 polymer 'LINE-1 ORF1P'
2 non-polymer 'MALONATE ION'
3 water water
#
_entity_poly.entity_id   1
_entity_poly.type   'polypeptide(L)'
_entity_poly.pdbx_seq_one_letter_code
;GA(MSE)GNLRLIGVPESDVENGTKLENTLQDIIQENFPNLARQANVQIQEIQRTPQRYSSRRATPRHIIVRFTKVE
(MSE)KEK(MSE)LRAAREKGRVTLKGKPIRLTVD
;
_entity_poly.pdbx_strand_id   A,B
#
# COMPACT_ATOMS: atom_id res chain seq x y z
N GLY A 1 10.22 23.79 8.87
CA GLY A 1 10.39 22.84 10.02
C GLY A 1 9.23 22.84 11.01
N ALA A 2 8.10 23.44 10.61
CA ALA A 2 6.90 23.49 11.43
C ALA A 2 6.45 22.08 11.80
N GLY A 4 3.62 20.74 11.92
CA GLY A 4 2.58 20.17 11.04
C GLY A 4 2.98 19.93 9.60
N ASN A 5 4.24 20.25 9.26
CA ASN A 5 4.72 20.10 7.87
C ASN A 5 5.44 18.77 7.66
N LEU A 6 5.19 18.13 6.53
CA LEU A 6 6.14 17.17 6.03
C LEU A 6 6.61 17.53 4.65
N ARG A 7 7.71 16.89 4.26
CA ARG A 7 8.29 17.03 2.94
C ARG A 7 8.00 15.77 2.13
N LEU A 8 7.54 15.97 0.92
CA LEU A 8 7.31 14.94 -0.09
C LEU A 8 8.41 15.11 -1.11
N ILE A 9 9.23 14.08 -1.24
CA ILE A 9 10.49 14.13 -1.99
C ILE A 9 10.42 13.21 -3.21
N GLY A 10 10.91 13.67 -4.36
CA GLY A 10 10.95 12.85 -5.56
C GLY A 10 9.81 12.89 -6.55
N VAL A 11 8.86 13.82 -6.39
CA VAL A 11 7.75 13.94 -7.30
C VAL A 11 8.24 14.75 -8.49
N PRO A 12 8.16 14.20 -9.72
CA PRO A 12 8.71 14.93 -10.85
C PRO A 12 8.03 16.29 -11.05
N GLU A 13 8.80 17.25 -11.47
CA GLU A 13 8.25 18.57 -11.81
C GLU A 13 7.49 18.49 -13.12
N SER A 14 6.56 19.43 -13.30
CA SER A 14 5.79 19.49 -14.51
C SER A 14 5.43 20.90 -14.81
N ASP A 15 5.54 21.26 -16.08
CA ASP A 15 5.18 22.61 -16.52
C ASP A 15 3.69 22.89 -16.46
N VAL A 16 2.87 21.86 -16.24
CA VAL A 16 1.43 22.03 -16.21
C VAL A 16 0.86 21.73 -14.83
N GLU A 17 1.74 21.62 -13.81
CA GLU A 17 1.29 21.42 -12.47
C GLU A 17 0.59 22.67 -11.98
N ASN A 18 -0.47 22.49 -11.23
CA ASN A 18 -1.23 23.57 -10.64
C ASN A 18 -1.75 23.07 -9.30
N GLY A 19 -2.46 23.94 -8.57
CA GLY A 19 -2.86 23.61 -7.20
C GLY A 19 -3.79 22.40 -7.11
N THR A 20 -4.69 22.31 -8.09
CA THR A 20 -5.61 21.19 -8.19
C THR A 20 -4.85 19.90 -8.40
N LYS A 21 -3.85 19.92 -9.25
CA LYS A 21 -3.05 18.73 -9.47
C LYS A 21 -2.27 18.31 -8.24
N LEU A 22 -1.78 19.28 -7.49
CA LEU A 22 -1.04 18.99 -6.27
C LEU A 22 -1.96 18.35 -5.21
N GLU A 23 -3.18 18.85 -5.10
CA GLU A 23 -4.14 18.25 -4.19
C GLU A 23 -4.45 16.82 -4.61
N ASN A 24 -4.61 16.61 -5.90
CA ASN A 24 -4.90 15.27 -6.43
C ASN A 24 -3.73 14.31 -6.21
N THR A 25 -2.51 14.81 -6.33
CA THR A 25 -1.30 14.05 -6.08
C THR A 25 -1.28 13.53 -4.64
N LEU A 26 -1.59 14.37 -3.68
CA LEU A 26 -1.57 13.93 -2.29
CA LEU A 26 -1.57 13.92 -2.30
C LEU A 26 -2.64 12.87 -2.06
N GLN A 27 -3.81 13.09 -2.61
CA GLN A 27 -4.86 12.08 -2.45
CA GLN A 27 -4.91 12.10 -2.57
C GLN A 27 -4.45 10.78 -3.14
N ASP A 28 -3.77 10.86 -4.27
CA ASP A 28 -3.28 9.67 -5.00
C ASP A 28 -2.27 8.93 -4.11
N ILE A 29 -1.44 9.67 -3.37
CA ILE A 29 -0.44 9.04 -2.53
C ILE A 29 -1.12 8.31 -1.37
N ILE A 30 -2.12 8.93 -0.80
CA ILE A 30 -2.82 8.31 0.32
C ILE A 30 -3.55 7.03 -0.16
N GLN A 31 -4.23 7.13 -1.29
CA GLN A 31 -4.97 5.98 -1.81
C GLN A 31 -4.07 4.84 -2.28
N GLU A 32 -2.89 5.18 -2.77
CA GLU A 32 -1.95 4.16 -3.27
C GLU A 32 -1.24 3.41 -2.15
N ASN A 33 -1.09 4.04 -0.98
CA ASN A 33 -0.24 3.52 0.06
C ASN A 33 -0.84 3.28 1.42
N PHE A 34 -1.87 4.03 1.78
CA PHE A 34 -2.36 4.06 3.17
C PHE A 34 -3.88 3.84 3.21
N PRO A 35 -4.30 2.59 2.98
CA PRO A 35 -5.74 2.33 2.82
C PRO A 35 -6.61 2.68 4.02
N ASN A 36 -6.10 2.56 5.24
CA ASN A 36 -6.95 2.92 6.36
C ASN A 36 -7.14 4.43 6.44
N LEU A 37 -6.10 5.18 6.16
CA LEU A 37 -6.26 6.62 6.07
C LEU A 37 -7.21 6.99 4.89
N ALA A 38 -7.11 6.29 3.76
CA ALA A 38 -7.97 6.57 2.61
C ALA A 38 -9.46 6.34 2.96
N ARG A 39 -9.73 5.25 3.69
CA ARG A 39 -11.09 4.87 4.02
C ARG A 39 -11.68 5.91 4.95
N GLN A 40 -10.86 6.37 5.89
CA GLN A 40 -11.35 7.27 6.96
C GLN A 40 -11.57 8.67 6.44
N ALA A 41 -10.77 9.05 5.45
CA ALA A 41 -10.92 10.34 4.77
C ALA A 41 -10.94 11.50 5.76
N ASN A 42 -10.03 11.45 6.74
CA ASN A 42 -9.90 12.55 7.67
C ASN A 42 -8.49 13.12 7.71
N VAL A 43 -7.82 13.06 6.58
N VAL A 43 -7.81 13.17 6.58
CA VAL A 43 -6.55 13.74 6.45
CA VAL A 43 -6.41 13.55 6.63
C VAL A 43 -6.97 15.13 5.94
C VAL A 43 -6.22 15.05 6.82
N GLN A 44 -6.68 16.14 6.73
N GLN A 44 -7.15 15.86 6.31
CA GLN A 44 -7.13 17.49 6.49
CA GLN A 44 -7.11 17.32 6.41
C GLN A 44 -5.89 18.23 6.08
C GLN A 44 -5.72 17.91 6.15
N ILE A 45 -5.43 17.99 4.87
CA ILE A 45 -4.23 18.65 4.39
C ILE A 45 -4.72 20.07 4.14
N GLN A 46 -4.05 21.02 4.77
CA GLN A 46 -4.32 22.46 4.60
C GLN A 46 -3.66 23.21 3.43
N GLU A 47 -2.36 23.05 3.26
CA GLU A 47 -1.67 23.69 2.15
C GLU A 47 -0.67 22.73 1.58
N ILE A 48 -0.42 22.84 0.28
CA ILE A 48 0.48 21.94 -0.48
CA ILE A 48 0.52 21.99 -0.40
C ILE A 48 1.24 22.81 -1.48
N GLN A 49 2.57 22.90 -1.39
CA GLN A 49 3.31 23.70 -2.36
C GLN A 49 4.74 23.22 -2.55
N ARG A 50 5.23 23.44 -3.75
CA ARG A 50 6.66 23.27 -3.99
C ARG A 50 7.44 24.30 -3.22
N THR A 51 8.66 23.94 -2.80
CA THR A 51 9.55 24.89 -2.14
C THR A 51 10.94 24.82 -2.77
N PRO A 52 11.59 25.96 -3.03
CA PRO A 52 11.02 27.29 -2.98
C PRO A 52 10.00 27.55 -4.09
N GLN A 53 9.44 28.73 -4.11
CA GLN A 53 8.41 29.08 -5.06
C GLN A 53 8.93 29.19 -6.47
N ARG A 54 10.20 29.46 -6.66
CA ARG A 54 10.76 29.48 -8.01
C ARG A 54 11.72 28.32 -8.21
N TYR A 55 11.79 27.88 -9.45
CA TYR A 55 12.75 26.90 -9.85
C TYR A 55 13.94 27.62 -10.53
N SER A 56 15.09 27.69 -9.86
CA SER A 56 16.17 28.55 -10.32
C SER A 56 16.96 27.92 -11.46
N SER A 57 17.82 28.74 -12.09
CA SER A 57 18.72 28.28 -13.14
C SER A 57 19.85 27.43 -12.59
N ARG A 58 20.05 27.43 -11.27
CA ARG A 58 21.09 26.59 -10.62
C ARG A 58 20.59 25.24 -10.15
N ARG A 59 19.30 25.13 -9.90
CA ARG A 59 18.72 23.90 -9.37
C ARG A 59 18.97 22.68 -10.29
N ALA A 60 19.28 21.55 -9.62
CA ALA A 60 19.61 20.31 -10.32
C ALA A 60 18.59 19.19 -10.10
N THR A 61 17.67 19.37 -9.18
CA THR A 61 16.79 18.32 -8.69
C THR A 61 15.38 18.83 -8.47
N PRO A 62 14.38 17.97 -8.55
CA PRO A 62 13.01 18.42 -8.31
C PRO A 62 12.82 18.95 -6.94
N ARG A 63 12.00 20.00 -6.85
CA ARG A 63 11.75 20.60 -5.55
C ARG A 63 10.97 19.65 -4.67
N HIS A 64 11.24 19.72 -3.36
CA HIS A 64 10.37 19.11 -2.40
C HIS A 64 9.02 19.79 -2.41
N ILE A 65 7.99 19.05 -2.01
CA ILE A 65 6.68 19.58 -1.81
C ILE A 65 6.43 19.60 -0.30
N ILE A 66 6.08 20.76 0.24
CA ILE A 66 5.75 20.87 1.66
C ILE A 66 4.25 20.72 1.80
N VAL A 67 3.86 19.77 2.65
CA VAL A 67 2.47 19.47 2.94
C VAL A 67 2.22 19.84 4.41
N ARG A 68 1.31 20.79 4.63
CA ARG A 68 1.02 21.25 6.01
CA ARG A 68 0.96 21.30 5.97
C ARG A 68 -0.33 20.63 6.41
N PHE A 69 -0.30 19.86 7.49
CA PHE A 69 -1.46 19.17 8.00
C PHE A 69 -2.14 20.05 9.03
N THR A 70 -3.47 19.92 9.13
CA THR A 70 -4.22 20.61 10.17
C THR A 70 -3.82 20.08 11.55
N LYS A 71 -3.61 18.77 11.62
CA LYS A 71 -3.27 18.10 12.90
C LYS A 71 -1.87 17.54 12.88
N VAL A 72 -1.07 17.94 13.88
CA VAL A 72 0.28 17.40 14.02
C VAL A 72 0.24 15.90 14.20
N GLU A 73 -0.74 15.41 14.94
CA GLU A 73 -0.85 13.97 15.11
C GLU A 73 -1.00 13.24 13.78
N LYS A 75 0.05 14.39 10.72
CA LYS A 75 1.40 14.43 10.10
C LYS A 75 2.26 13.26 10.59
N GLU A 76 2.29 13.06 11.90
CA GLU A 76 3.19 12.06 12.49
C GLU A 76 2.72 10.66 12.14
N LYS A 77 1.42 10.45 12.12
CA LYS A 77 0.88 9.15 11.70
C LYS A 77 1.32 8.81 10.29
N LEU A 79 3.91 9.97 8.61
CA LEU A 79 5.33 9.74 8.60
C LEU A 79 5.69 8.34 9.15
N ARG A 80 5.05 7.92 10.25
CA ARG A 80 5.33 6.65 10.84
C ARG A 80 4.92 5.56 9.88
N ALA A 81 3.77 5.69 9.26
CA ALA A 81 3.29 4.66 8.31
C ALA A 81 4.28 4.53 7.14
N ALA A 82 4.74 5.65 6.60
CA ALA A 82 5.66 5.64 5.48
C ALA A 82 6.93 4.91 5.89
N ARG A 83 7.44 5.23 7.08
CA ARG A 83 8.69 4.60 7.52
C ARG A 83 8.58 3.10 7.73
N GLU A 84 7.45 2.66 8.27
CA GLU A 84 7.21 1.24 8.54
CA GLU A 84 7.25 1.23 8.51
C GLU A 84 6.92 0.49 7.23
N LYS A 85 6.18 1.13 6.33
CA LYS A 85 5.84 0.50 5.04
C LYS A 85 7.10 0.30 4.21
N GLY A 86 8.00 1.28 4.28
CA GLY A 86 9.24 1.22 3.54
C GLY A 86 9.11 1.94 2.21
N ARG A 87 8.87 1.21 1.16
CA ARG A 87 8.69 1.75 -0.16
C ARG A 87 7.26 2.35 -0.31
N VAL A 88 7.23 3.64 -0.62
CA VAL A 88 6.00 4.40 -0.81
C VAL A 88 6.00 4.89 -2.24
N THR A 89 4.89 4.70 -2.96
CA THR A 89 4.88 4.98 -4.40
C THR A 89 3.82 5.95 -4.86
N LEU A 90 4.09 6.58 -5.99
CA LEU A 90 3.17 7.47 -6.66
C LEU A 90 3.21 7.00 -8.10
N LYS A 91 2.09 6.49 -8.61
CA LYS A 91 2.02 5.80 -9.92
C LYS A 91 3.14 4.76 -10.09
N GLY A 92 3.38 4.00 -9.02
CA GLY A 92 4.33 2.91 -9.01
C GLY A 92 5.79 3.33 -8.92
N LYS A 93 6.05 4.62 -8.84
CA LYS A 93 7.44 5.13 -8.70
C LYS A 93 7.69 5.55 -7.25
N PRO A 94 8.87 5.26 -6.71
CA PRO A 94 9.15 5.58 -5.30
C PRO A 94 9.17 7.08 -5.01
N ILE A 95 8.53 7.46 -3.89
CA ILE A 95 8.62 8.77 -3.34
C ILE A 95 9.03 8.66 -1.88
N ARG A 96 9.42 9.77 -1.25
CA ARG A 96 9.72 9.76 0.17
C ARG A 96 8.96 10.82 0.92
N LEU A 97 8.50 10.47 2.13
CA LEU A 97 7.88 11.40 3.07
C LEU A 97 8.80 11.54 4.28
N THR A 98 9.21 12.75 4.60
CA THR A 98 10.13 12.98 5.70
CA THR A 98 10.09 12.95 5.73
C THR A 98 9.73 14.21 6.48
N VAL A 99 10.33 14.39 7.63
CA VAL A 99 10.08 15.57 8.43
C VAL A 99 10.59 16.79 7.69
N ASP A 100 10.04 17.95 8.04
CA ASP A 100 10.46 19.18 7.41
C ASP A 100 11.68 19.73 8.17
N ALA B 2 4.55 -23.10 -16.15
CA ALA B 2 3.31 -22.26 -16.03
C ALA B 2 3.03 -21.81 -14.58
N GLY B 4 0.39 -19.57 -11.68
CA GLY B 4 -1.06 -19.61 -11.38
C GLY B 4 -1.42 -18.57 -10.36
N ASN B 5 -2.62 -18.03 -10.47
CA ASN B 5 -3.07 -16.94 -9.60
C ASN B 5 -4.18 -17.45 -8.70
N LEU B 6 -4.20 -16.98 -7.47
CA LEU B 6 -5.40 -17.15 -6.66
C LEU B 6 -5.73 -15.86 -5.95
N ARG B 7 -6.96 -15.81 -5.48
CA ARG B 7 -7.51 -14.65 -4.82
C ARG B 7 -7.68 -14.97 -3.35
N LEU B 8 -7.19 -14.07 -2.50
CA LEU B 8 -7.23 -14.20 -1.07
C LEU B 8 -8.15 -13.09 -0.58
N ILE B 9 -9.22 -13.50 0.10
CA ILE B 9 -10.31 -12.62 0.50
C ILE B 9 -10.41 -12.54 2.04
N GLY B 10 -10.61 -11.30 2.56
CA GLY B 10 -10.81 -11.09 3.97
C GLY B 10 -9.65 -10.65 4.83
N VAL B 11 -8.52 -10.36 4.20
CA VAL B 11 -7.34 -9.96 4.96
C VAL B 11 -7.47 -8.47 5.28
N PRO B 12 -7.39 -8.09 6.57
CA PRO B 12 -7.61 -6.68 6.87
C PRO B 12 -6.55 -5.80 6.20
N GLU B 13 -6.97 -4.62 5.79
CA GLU B 13 -6.04 -3.65 5.21
C GLU B 13 -5.14 -3.04 6.30
N SER B 14 -3.98 -2.58 5.90
CA SER B 14 -3.00 -1.99 6.83
C SER B 14 -2.22 -0.88 6.14
N ASP B 15 -2.04 0.24 6.84
CA ASP B 15 -1.27 1.36 6.30
C ASP B 15 0.22 1.06 6.16
N VAL B 16 0.69 -0.05 6.72
CA VAL B 16 2.11 -0.40 6.65
C VAL B 16 2.38 -1.69 5.92
N GLU B 17 1.37 -2.21 5.22
CA GLU B 17 1.55 -3.43 4.42
C GLU B 17 2.56 -3.18 3.31
N ASN B 18 3.37 -4.18 3.02
CA ASN B 18 4.23 -4.15 1.87
C ASN B 18 4.38 -5.60 1.31
N GLY B 19 5.17 -5.79 0.26
CA GLY B 19 5.22 -7.09 -0.40
C GLY B 19 5.80 -8.17 0.50
N THR B 20 6.77 -7.78 1.30
CA THR B 20 7.41 -8.71 2.21
C THR B 20 6.45 -9.19 3.31
N LYS B 21 5.72 -8.26 3.92
CA LYS B 21 4.68 -8.62 4.86
C LYS B 21 3.61 -9.51 4.25
N LEU B 22 3.21 -9.24 3.02
CA LEU B 22 2.22 -10.07 2.34
C LEU B 22 2.72 -11.47 2.12
N GLU B 23 3.96 -11.63 1.69
CA GLU B 23 4.53 -12.97 1.52
C GLU B 23 4.61 -13.69 2.87
N ASN B 24 4.94 -12.97 3.94
CA ASN B 24 4.92 -13.54 5.27
C ASN B 24 3.52 -13.95 5.74
N THR B 25 2.52 -13.15 5.39
CA THR B 25 1.14 -13.50 5.66
C THR B 25 0.73 -14.78 4.91
N LEU B 26 1.11 -14.91 3.64
CA LEU B 26 0.85 -16.15 2.90
C LEU B 26 1.47 -17.37 3.63
N GLN B 27 2.71 -17.23 4.05
CA GLN B 27 3.36 -18.30 4.80
CA GLN B 27 3.38 -18.28 4.84
C GLN B 27 2.60 -18.59 6.11
N ASP B 28 2.11 -17.57 6.78
CA ASP B 28 1.30 -17.78 8.00
C ASP B 28 0.03 -18.56 7.71
N ILE B 29 -0.61 -18.27 6.59
CA ILE B 29 -1.81 -19.01 6.21
C ILE B 29 -1.47 -20.48 5.98
N ILE B 30 -0.40 -20.74 5.25
CA ILE B 30 0.02 -22.12 5.02
C ILE B 30 0.31 -22.84 6.32
N GLN B 31 1.02 -22.16 7.20
CA GLN B 31 1.47 -22.78 8.46
C GLN B 31 0.34 -22.98 9.43
N GLU B 32 -0.74 -22.17 9.31
CA GLU B 32 -1.89 -22.25 10.24
C GLU B 32 -2.91 -23.29 9.77
N ASN B 33 -2.94 -23.57 8.46
CA ASN B 33 -4.00 -24.38 7.84
C ASN B 33 -3.59 -25.66 7.13
N PHE B 34 -2.41 -25.65 6.51
CA PHE B 34 -2.04 -26.70 5.54
C PHE B 34 -0.67 -27.30 5.90
N PRO B 35 -0.61 -28.11 6.97
CA PRO B 35 0.67 -28.60 7.48
C PRO B 35 1.50 -29.41 6.52
N ASN B 36 0.87 -30.10 5.57
CA ASN B 36 1.63 -30.88 4.60
C ASN B 36 2.31 -30.00 3.59
N LEU B 37 1.61 -28.92 3.22
CA LEU B 37 2.26 -27.90 2.43
C LEU B 37 3.37 -27.18 3.22
N ALA B 38 3.10 -26.89 4.49
CA ALA B 38 4.10 -26.22 5.34
C ALA B 38 5.41 -27.00 5.45
N ARG B 39 5.27 -28.31 5.63
CA ARG B 39 6.42 -29.19 5.72
C ARG B 39 7.30 -29.17 4.47
N GLN B 40 6.67 -29.06 3.32
CA GLN B 40 7.37 -29.04 2.02
C GLN B 40 8.12 -27.73 1.80
N ALA B 41 7.63 -26.66 2.40
CA ALA B 41 8.22 -25.33 2.38
C ALA B 41 8.63 -24.83 1.01
N ASN B 42 7.81 -25.09 -0.01
CA ASN B 42 8.06 -24.45 -1.31
C ASN B 42 7.02 -23.35 -1.63
N VAL B 43 7.11 -22.23 -0.90
CA VAL B 43 6.23 -21.07 -1.15
C VAL B 43 6.91 -20.09 -2.09
N GLN B 44 6.87 -20.43 -3.38
CA GLN B 44 7.50 -19.65 -4.39
C GLN B 44 6.42 -18.73 -5.00
N ILE B 45 6.60 -17.42 -4.81
CA ILE B 45 5.67 -16.40 -5.27
C ILE B 45 6.34 -15.46 -6.24
N GLN B 46 5.65 -15.11 -7.30
CA GLN B 46 6.12 -14.08 -8.22
C GLN B 46 5.79 -12.70 -7.72
N GLU B 47 4.54 -12.54 -7.30
CA GLU B 47 4.03 -11.24 -6.86
CA GLU B 47 3.96 -11.26 -6.95
C GLU B 47 2.78 -11.50 -6.02
N ILE B 48 2.59 -10.62 -5.07
CA ILE B 48 1.43 -10.67 -4.23
C ILE B 48 1.04 -9.24 -3.97
N GLN B 49 -0.20 -8.93 -4.27
CA GLN B 49 -0.65 -7.55 -4.26
C GLN B 49 -2.13 -7.41 -4.11
N ARG B 50 -2.54 -6.32 -3.44
CA ARG B 50 -3.95 -5.96 -3.41
C ARG B 50 -4.42 -5.64 -4.82
N THR B 51 -5.71 -5.83 -5.10
CA THR B 51 -6.31 -5.36 -6.36
C THR B 51 -7.61 -4.63 -6.04
N PRO B 52 -7.84 -3.45 -6.62
CA PRO B 52 -6.89 -2.62 -7.35
C PRO B 52 -5.77 -2.12 -6.45
N GLN B 53 -4.74 -1.55 -7.06
CA GLN B 53 -3.58 -1.05 -6.34
C GLN B 53 -3.77 0.33 -5.76
N ARG B 54 -5.00 0.76 -5.60
CA ARG B 54 -5.32 1.92 -4.80
C ARG B 54 -6.62 1.66 -4.06
N TYR B 55 -6.77 2.33 -2.92
CA TYR B 55 -7.96 2.20 -2.08
C TYR B 55 -8.68 3.52 -2.26
N SER B 56 -9.77 3.54 -3.06
CA SER B 56 -10.45 4.78 -3.39
C SER B 56 -11.24 5.34 -2.22
N SER B 57 -11.67 6.59 -2.37
CA SER B 57 -12.53 7.22 -1.39
C SER B 57 -13.96 6.66 -1.44
N ARG B 58 -14.26 5.85 -2.46
CA ARG B 58 -15.58 5.21 -2.60
C ARG B 58 -15.64 3.79 -2.06
N ARG B 59 -14.48 3.18 -1.92
CA ARG B 59 -14.44 1.76 -1.55
C ARG B 59 -14.98 1.55 -0.13
N ALA B 60 -15.69 0.43 0.04
CA ALA B 60 -16.35 0.07 1.28
C ALA B 60 -15.79 -1.11 2.00
N THR B 61 -14.95 -1.90 1.32
CA THR B 61 -14.55 -3.20 1.82
C THR B 61 -13.04 -3.43 1.57
N PRO B 62 -12.36 -4.28 2.39
CA PRO B 62 -10.97 -4.59 2.09
C PRO B 62 -10.81 -5.21 0.75
N ARG B 63 -9.71 -4.85 0.08
CA ARG B 63 -9.42 -5.39 -1.22
C ARG B 63 -9.02 -6.86 -1.14
N HIS B 64 -9.38 -7.59 -2.22
CA HIS B 64 -8.81 -8.89 -2.42
C HIS B 64 -7.31 -8.74 -2.65
N ILE B 65 -6.60 -9.83 -2.38
CA ILE B 65 -5.18 -9.95 -2.64
C ILE B 65 -5.03 -10.99 -3.74
N ILE B 66 -4.26 -10.70 -4.79
CA ILE B 66 -3.95 -11.68 -5.83
C ILE B 66 -2.56 -12.22 -5.52
N VAL B 67 -2.48 -13.55 -5.43
CA VAL B 67 -1.21 -14.24 -5.21
C VAL B 67 -0.86 -14.93 -6.53
N ARG B 68 0.27 -14.57 -7.14
CA ARG B 68 0.76 -15.27 -8.32
C ARG B 68 1.88 -16.21 -7.90
N PHE B 69 1.60 -17.50 -8.01
CA PHE B 69 2.55 -18.57 -7.68
C PHE B 69 3.42 -18.86 -8.88
N THR B 70 4.71 -19.10 -8.64
CA THR B 70 5.65 -19.47 -9.68
C THR B 70 5.24 -20.80 -10.33
N LYS B 71 4.59 -21.70 -9.57
CA LYS B 71 4.17 -22.98 -10.10
C LYS B 71 2.66 -23.14 -9.96
N VAL B 72 1.98 -23.35 -11.08
CA VAL B 72 0.55 -23.59 -11.09
C VAL B 72 0.16 -24.72 -10.14
N GLU B 73 1.01 -25.74 -10.03
CA GLU B 73 0.74 -26.89 -9.16
CA GLU B 73 0.68 -26.88 -9.17
C GLU B 73 0.42 -26.42 -7.74
N LYS B 75 -0.71 -23.43 -6.77
CA LYS B 75 -1.99 -22.75 -6.75
C LYS B 75 -3.09 -23.81 -6.66
N GLU B 76 -2.99 -24.84 -7.48
CA GLU B 76 -4.01 -25.87 -7.49
C GLU B 76 -4.10 -26.61 -6.16
N LYS B 77 -2.97 -26.94 -5.56
CA LYS B 77 -2.99 -27.67 -4.29
C LYS B 77 -3.65 -26.82 -3.19
N LEU B 79 -5.84 -24.32 -3.56
CA LEU B 79 -7.27 -24.16 -3.76
C LEU B 79 -8.05 -25.42 -3.41
N ARG B 80 -7.52 -26.57 -3.77
CA ARG B 80 -8.18 -27.84 -3.42
C ARG B 80 -8.20 -28.02 -1.88
N ALA B 81 -7.09 -27.72 -1.22
CA ALA B 81 -6.98 -27.94 0.25
C ALA B 81 -8.03 -27.03 0.92
N ALA B 82 -8.09 -25.78 0.49
CA ALA B 82 -9.02 -24.82 1.09
C ALA B 82 -10.46 -25.30 0.93
N ARG B 83 -10.81 -25.75 -0.28
CA ARG B 83 -12.16 -26.21 -0.57
C ARG B 83 -12.53 -27.41 0.31
N GLU B 84 -11.61 -28.35 0.42
CA GLU B 84 -11.86 -29.54 1.21
C GLU B 84 -11.81 -29.35 2.73
N LYS B 85 -10.97 -28.43 3.22
CA LYS B 85 -10.88 -28.16 4.64
C LYS B 85 -12.14 -27.51 5.13
N GLY B 86 -12.66 -26.57 4.30
CA GLY B 86 -13.80 -25.76 4.66
C GLY B 86 -13.32 -24.40 5.12
N ARG B 87 -13.34 -24.19 6.42
CA ARG B 87 -12.93 -22.95 7.04
C ARG B 87 -11.41 -22.83 7.03
N VAL B 88 -10.92 -21.68 6.55
CA VAL B 88 -9.46 -21.36 6.51
C VAL B 88 -9.28 -20.09 7.29
N THR B 89 -8.26 -20.04 8.15
CA THR B 89 -8.07 -18.92 9.08
C THR B 89 -6.72 -18.27 9.01
N LEU B 90 -6.70 -16.98 9.37
CA LEU B 90 -5.49 -16.21 9.54
C LEU B 90 -5.60 -15.58 10.92
N LYS B 91 -4.73 -15.99 11.86
CA LYS B 91 -4.77 -15.47 13.22
C LYS B 91 -6.15 -15.74 13.84
N GLY B 92 -6.70 -16.89 13.47
CA GLY B 92 -8.01 -17.34 13.93
C GLY B 92 -9.24 -16.72 13.32
N LYS B 93 -9.04 -15.82 12.38
CA LYS B 93 -10.15 -15.17 11.68
C LYS B 93 -10.31 -15.77 10.28
N PRO B 94 -11.53 -15.96 9.83
CA PRO B 94 -11.70 -16.60 8.55
C PRO B 94 -11.23 -15.73 7.42
N ILE B 95 -10.66 -16.43 6.44
CA ILE B 95 -10.28 -15.91 5.13
CA ILE B 95 -10.34 -15.88 5.11
C ILE B 95 -10.75 -16.89 4.06
N ARG B 96 -10.76 -16.46 2.79
CA ARG B 96 -11.11 -17.34 1.71
C ARG B 96 -10.06 -17.32 0.63
N LEU B 97 -9.85 -18.49 0.01
CA LEU B 97 -8.91 -18.69 -1.09
C LEU B 97 -9.73 -19.19 -2.28
N THR B 98 -9.77 -18.43 -3.38
CA THR B 98 -10.63 -18.68 -4.52
CA THR B 98 -10.58 -18.81 -4.50
C THR B 98 -9.90 -18.46 -5.83
N VAL B 99 -10.54 -18.85 -6.92
CA VAL B 99 -9.98 -18.57 -8.21
C VAL B 99 -9.94 -17.08 -8.53
N ASP B 100 -9.02 -16.69 -9.42
CA ASP B 100 -8.91 -15.32 -9.90
C ASP B 100 -10.13 -14.96 -10.75
#